data_2QCB
#
_entry.id   2QCB
#
_cell.length_a   57.651
_cell.length_b   57.651
_cell.length_c   183.823
_cell.angle_alpha   90.000
_cell.angle_beta   90.000
_cell.angle_gamma   90.000
#
_symmetry.space_group_name_H-M   'I 41 2 2'
#
loop_
_entity.id
_entity.type
_entity.pdbx_description
1 polymer Streptavidin
2 non-polymer N-(4-{[(2-AMINOETHYL)AMINO]SULFONYL}PHENYL)-5-[(3AS,4S,6AR)-2-OXOHEXAHYDRO-1H-THIENO[3,4-D]IMIDAZOL-4-YL]PENTANAMIDE-(1,2,3,4,5,6-ETA)-BENZENE-CHLORO-RUTHENIUM(III)
3 water water
#
_entity_poly.entity_id   1
_entity_poly.type   'polypeptide(L)'
_entity_poly.pdbx_seq_one_letter_code
;MASMTGGQQMGRDEAGITGTWYNQLGSTFIVTAGADGALTGTYESAVGNAESRYVLTGRYDSAPATDGSGTALGWTVAWK
NNYRNAHSATTWSGQYVGGAEARINTQWLLTKGTTEANAWKSTLVGHDTFTKVKPSAASIDAAKKAGVNNGNPLDAVQQ
;
_entity_poly.pdbx_strand_id   A
#
# COMPACT_ATOMS: atom_id res chain seq x y z
N ASP A 13 4.04 5.28 -15.94
CA ASP A 13 5.00 4.99 -14.82
C ASP A 13 4.99 3.52 -14.45
N GLU A 14 4.67 2.66 -15.41
CA GLU A 14 4.65 1.23 -15.17
C GLU A 14 6.00 0.78 -14.60
N ALA A 15 7.09 1.11 -15.30
CA ALA A 15 8.43 0.77 -14.84
C ALA A 15 8.84 1.51 -13.56
N GLY A 16 8.40 2.77 -13.43
CA GLY A 16 8.71 3.57 -12.24
C GLY A 16 8.14 2.96 -10.96
N ILE A 17 6.92 2.45 -11.05
CA ILE A 17 6.23 1.90 -9.87
C ILE A 17 6.62 0.47 -9.58
N THR A 18 6.77 -0.34 -10.63
CA THR A 18 7.08 -1.76 -10.45
C THR A 18 8.40 -1.97 -9.70
N GLY A 19 8.37 -2.82 -8.68
CA GLY A 19 9.55 -3.14 -7.92
C GLY A 19 9.27 -3.28 -6.44
N THR A 20 10.34 -3.14 -5.67
CA THR A 20 10.32 -3.31 -4.22
C THR A 20 10.49 -1.95 -3.58
N TRP A 21 9.60 -1.66 -2.63
CA TRP A 21 9.59 -0.40 -1.92
C TRP A 21 9.60 -0.66 -0.42
N TYR A 22 10.14 0.28 0.34
CA TYR A 22 10.23 0.16 1.78
C TYR A 22 9.68 1.43 2.43
N ASN A 23 8.92 1.28 3.52
CA ASN A 23 8.44 2.47 4.22
C ASN A 23 9.27 2.77 5.48
N GLN A 24 8.87 3.82 6.18
CA GLN A 24 9.60 4.30 7.35
C GLN A 24 9.65 3.32 8.52
N LEU A 25 8.73 2.36 8.52
CA LEU A 25 8.64 1.32 9.53
C LEU A 25 9.49 0.10 9.19
N GLY A 26 10.02 0.06 7.97
CA GLY A 26 10.76 -1.10 7.48
C GLY A 26 9.89 -2.18 6.84
N SER A 27 8.64 -1.84 6.54
CA SER A 27 7.77 -2.76 5.80
C SER A 27 8.19 -2.81 4.33
N THR A 28 7.90 -3.94 3.69
CA THR A 28 8.29 -4.23 2.30
C THR A 28 7.07 -4.39 1.42
N PHE A 29 7.01 -3.57 0.37
CA PHE A 29 5.90 -3.48 -0.56
C PHE A 29 6.46 -3.88 -1.91
N ILE A 30 6.04 -5.05 -2.38
CA ILE A 30 6.50 -5.60 -3.65
C ILE A 30 5.34 -5.54 -4.62
N VAL A 31 5.51 -4.78 -5.70
CA VAL A 31 4.38 -4.48 -6.57
C VAL A 31 4.74 -4.57 -8.05
N THR A 32 3.78 -5.06 -8.85
CA THR A 32 3.86 -4.99 -10.30
C THR A 32 2.72 -4.11 -10.80
N ALA A 33 3.09 -3.07 -11.56
CA ALA A 33 2.11 -2.21 -12.23
C ALA A 33 1.89 -2.74 -13.63
N GLY A 34 0.64 -3.06 -13.93
CA GLY A 34 0.24 -3.53 -15.26
C GLY A 34 -0.10 -2.40 -16.22
N ALA A 35 -0.01 -2.70 -17.51
CA ALA A 35 -0.31 -1.72 -18.56
C ALA A 35 -1.75 -1.19 -18.48
N ASP A 36 -2.61 -2.00 -17.88
CA ASP A 36 -4.04 -1.75 -17.76
C ASP A 36 -4.43 -0.97 -16.50
N GLY A 37 -3.46 -0.53 -15.69
CA GLY A 37 -3.75 0.18 -14.44
C GLY A 37 -3.78 -0.71 -13.20
N ALA A 38 -3.47 -1.99 -13.34
CA ALA A 38 -3.54 -2.92 -12.21
C ALA A 38 -2.29 -2.81 -11.33
N LEU A 39 -2.47 -2.98 -10.02
CA LEU A 39 -1.36 -3.23 -9.10
C LEU A 39 -1.58 -4.61 -8.48
N THR A 40 -0.54 -5.44 -8.50
CA THR A 40 -0.56 -6.76 -7.85
C THR A 40 0.78 -6.96 -7.14
N GLY A 41 0.77 -7.69 -6.03
CA GLY A 41 2.00 -8.00 -5.35
C GLY A 41 1.78 -8.52 -3.96
N THR A 42 2.74 -8.23 -3.10
CA THR A 42 2.70 -8.68 -1.72
C THR A 42 3.19 -7.57 -0.80
N TYR A 43 2.74 -7.65 0.45
CA TYR A 43 3.09 -6.69 1.49
C TYR A 43 3.55 -7.47 2.69
N GLU A 44 4.65 -7.02 3.30
CA GLU A 44 5.15 -7.59 4.54
C GLU A 44 5.30 -6.44 5.52
N SER A 45 4.52 -6.48 6.59
CA SER A 45 4.55 -5.42 7.59
C SER A 45 5.59 -5.71 8.66
N ALA A 46 6.41 -4.72 8.97
CA ALA A 46 7.37 -4.80 10.07
C ALA A 46 6.74 -4.65 11.46
N VAL A 47 5.47 -4.23 11.50
CA VAL A 47 4.76 -3.99 12.76
C VAL A 47 3.35 -4.61 12.76
N GLY A 48 2.81 -4.78 13.97
CA GLY A 48 1.43 -5.21 14.12
C GLY A 48 1.25 -6.72 14.09
N ASN A 49 0.00 -7.15 13.99
CA ASN A 49 -0.33 -8.57 14.04
C ASN A 49 -0.19 -9.14 12.61
N ALA A 50 1.05 -9.36 12.22
CA ALA A 50 1.40 -9.74 10.88
C ALA A 50 2.70 -10.52 10.85
N GLU A 51 2.77 -11.51 9.98
CA GLU A 51 4.04 -12.15 9.66
C GLU A 51 4.04 -12.62 8.23
N SER A 52 5.22 -12.56 7.62
CA SER A 52 5.43 -12.98 6.25
C SER A 52 4.64 -12.06 5.32
N ARG A 53 4.39 -12.57 4.11
CA ARG A 53 3.77 -11.77 3.05
C ARG A 53 2.24 -11.98 2.96
N TYR A 54 1.56 -10.90 2.56
CA TYR A 54 0.11 -10.87 2.35
C TYR A 54 -0.15 -10.40 0.94
N VAL A 55 -1.19 -10.93 0.33
CA VAL A 55 -1.57 -10.54 -1.02
C VAL A 55 -2.05 -9.10 -1.02
N LEU A 56 -1.65 -8.35 -2.03
CA LEU A 56 -2.25 -7.02 -2.25
C LEU A 56 -2.72 -6.89 -3.68
N THR A 57 -3.75 -6.08 -3.85
CA THR A 57 -4.19 -5.66 -5.17
C THR A 57 -4.61 -4.19 -5.11
N GLY A 58 -4.47 -3.52 -6.23
CA GLY A 58 -4.87 -2.12 -6.31
C GLY A 58 -4.91 -1.61 -7.72
N ARG A 59 -4.94 -0.28 -7.84
CA ARG A 59 -5.06 0.38 -9.14
C ARG A 59 -4.20 1.64 -9.13
N TYR A 60 -3.72 2.04 -10.31
CA TYR A 60 -3.04 3.32 -10.45
C TYR A 60 -3.48 3.98 -11.75
N ASP A 61 -3.30 5.30 -11.80
CA ASP A 61 -3.56 6.09 -13.01
C ASP A 61 -2.47 5.81 -14.04
N SER A 62 -2.83 5.07 -15.08
CA SER A 62 -1.85 4.64 -16.10
C SER A 62 -1.62 5.69 -17.21
N ALA A 63 -2.29 6.82 -17.11
CA ALA A 63 -2.09 7.93 -18.06
C ALA A 63 -2.14 9.25 -17.28
N PRO A 64 -1.13 9.48 -16.43
CA PRO A 64 -1.14 10.65 -15.55
C PRO A 64 -0.92 11.95 -16.32
N ALA A 65 -1.16 13.05 -15.62
CA ALA A 65 -0.92 14.39 -16.16
C ALA A 65 0.57 14.57 -16.44
N THR A 66 0.88 15.46 -17.40
CA THR A 66 2.25 15.70 -17.83
C THR A 66 2.73 17.10 -17.40
N ASP A 67 2.18 17.58 -16.28
CA ASP A 67 2.45 18.92 -15.77
C ASP A 67 3.32 18.90 -14.52
N GLY A 68 3.95 17.76 -14.25
CA GLY A 68 4.79 17.59 -13.06
C GLY A 68 4.04 17.02 -11.86
N SER A 69 2.74 16.78 -12.04
CA SER A 69 1.94 16.18 -10.97
C SER A 69 2.33 14.72 -10.74
N GLY A 70 2.08 14.24 -9.52
CA GLY A 70 2.26 12.83 -9.19
C GLY A 70 1.23 11.92 -9.83
N THR A 71 1.40 10.62 -9.64
CA THR A 71 0.53 9.62 -10.21
C THR A 71 -0.30 8.98 -9.11
N ALA A 72 -1.61 9.17 -9.16
CA ALA A 72 -2.51 8.66 -8.12
C ALA A 72 -2.57 7.12 -8.15
N LEU A 73 -2.65 6.52 -6.96
CA LEU A 73 -2.73 5.08 -6.84
C LEU A 73 -3.29 4.67 -5.48
N GLY A 74 -3.68 3.41 -5.37
CA GLY A 74 -4.07 2.85 -4.10
C GLY A 74 -4.06 1.35 -4.14
N TRP A 75 -4.00 0.74 -2.96
CA TRP A 75 -4.03 -0.71 -2.87
C TRP A 75 -4.55 -1.16 -1.50
N THR A 76 -4.93 -2.43 -1.45
CA THR A 76 -5.51 -3.04 -0.26
C THR A 76 -4.77 -4.30 0.13
N VAL A 77 -4.59 -4.48 1.44
CA VAL A 77 -4.17 -5.74 2.05
C VAL A 77 -5.21 -6.15 3.08
N ALA A 78 -5.75 -7.36 2.95
CA ALA A 78 -6.51 -7.99 4.03
C ALA A 78 -5.53 -8.85 4.81
N TRP A 79 -5.53 -8.71 6.13
CA TRP A 79 -4.45 -9.24 6.96
C TRP A 79 -4.69 -10.69 7.34
N LYS A 80 -5.01 -11.49 6.32
CA LYS A 80 -5.12 -12.95 6.45
C LYS A 80 -4.14 -13.58 5.49
N ASN A 81 -3.32 -14.50 6.00
CA ASN A 81 -2.50 -15.35 5.17
C ASN A 81 -2.44 -16.74 5.80
N ASN A 82 -1.49 -17.57 5.39
CA ASN A 82 -1.45 -18.94 5.93
C ASN A 82 -0.96 -19.02 7.38
N TYR A 83 -0.43 -17.91 7.90
CA TYR A 83 0.15 -17.86 9.25
C TYR A 83 -0.77 -17.25 10.29
N ARG A 84 -1.46 -16.17 9.91
CA ARG A 84 -2.23 -15.38 10.86
C ARG A 84 -3.43 -14.77 10.18
N ASN A 85 -4.40 -14.39 11.00
CA ASN A 85 -5.54 -13.59 10.55
C ASN A 85 -5.84 -12.51 11.61
N ALA A 86 -5.55 -11.26 11.25
CA ALA A 86 -5.78 -10.12 12.16
C ALA A 86 -7.15 -9.46 11.95
N HIS A 87 -8.03 -10.13 11.19
CA HIS A 87 -9.41 -9.68 10.96
C HIS A 87 -9.48 -8.17 10.73
N SER A 88 -8.71 -7.75 9.73
CA SER A 88 -8.58 -6.34 9.40
C SER A 88 -8.06 -6.18 7.98
N ALA A 89 -8.25 -4.98 7.43
CA ALA A 89 -7.78 -4.64 6.10
C ALA A 89 -7.25 -3.21 6.12
N THR A 90 -6.13 -2.98 5.47
CA THR A 90 -5.60 -1.64 5.25
C THR A 90 -5.66 -1.27 3.79
N THR A 91 -6.08 -0.04 3.53
CA THR A 91 -6.01 0.55 2.19
C THR A 91 -5.07 1.75 2.25
N TRP A 92 -4.11 1.77 1.34
CA TRP A 92 -3.22 2.90 1.16
C TRP A 92 -3.69 3.68 -0.06
N SER A 93 -3.81 4.99 0.10
CA SER A 93 -4.21 5.90 -0.97
C SER A 93 -3.11 6.95 -1.08
N GLY A 94 -2.59 7.17 -2.28
CA GLY A 94 -1.47 8.07 -2.41
C GLY A 94 -1.09 8.43 -3.82
N GLN A 95 0.12 8.93 -3.95
CA GLN A 95 0.68 9.20 -5.25
C GLN A 95 2.15 8.87 -5.34
N TYR A 96 2.52 8.40 -6.52
CA TYR A 96 3.90 8.13 -6.89
C TYR A 96 4.52 9.39 -7.46
N VAL A 97 5.71 9.71 -6.97
CA VAL A 97 6.46 10.89 -7.38
C VAL A 97 7.79 10.41 -7.91
N GLY A 98 7.99 10.54 -9.22
CA GLY A 98 9.17 10.02 -9.87
C GLY A 98 10.39 10.89 -9.63
N GLY A 99 11.54 10.44 -10.16
CA GLY A 99 12.79 11.20 -10.06
C GLY A 99 13.90 10.45 -9.35
N ALA A 100 15.02 11.14 -9.15
CA ALA A 100 16.24 10.54 -8.60
C ALA A 100 16.00 9.80 -7.30
N GLU A 101 15.19 10.41 -6.44
CA GLU A 101 14.74 9.77 -5.23
C GLU A 101 13.22 9.62 -5.29
N ALA A 102 12.79 8.61 -6.06
CA ALA A 102 11.36 8.34 -6.23
C ALA A 102 10.72 8.02 -4.88
N ARG A 103 9.44 8.40 -4.77
CA ARG A 103 8.70 8.17 -3.54
C ARG A 103 7.27 7.81 -3.86
N ILE A 104 6.66 7.00 -2.99
CA ILE A 104 5.19 6.86 -2.99
C ILE A 104 4.72 7.38 -1.64
N ASN A 105 4.00 8.48 -1.66
CA ASN A 105 3.51 9.11 -0.41
C ASN A 105 2.06 8.72 -0.24
N THR A 106 1.74 8.14 0.91
CA THR A 106 0.42 7.60 1.16
C THR A 106 -0.18 8.03 2.49
N GLN A 107 -1.49 7.96 2.52
CA GLN A 107 -2.27 7.92 3.75
C GLN A 107 -3.02 6.59 3.73
N TRP A 108 -3.28 6.03 4.90
CA TRP A 108 -3.93 4.73 4.97
C TRP A 108 -5.03 4.69 6.00
N LEU A 109 -5.96 3.77 5.77
CA LEU A 109 -7.07 3.45 6.68
C LEU A 109 -7.05 1.96 6.97
N LEU A 110 -6.94 1.60 8.24
CA LEU A 110 -6.95 0.20 8.68
C LEU A 110 -8.25 -0.05 9.43
N THR A 111 -9.13 -0.86 8.83
CA THR A 111 -10.39 -1.21 9.47
C THR A 111 -10.32 -2.62 10.02
N LYS A 112 -10.73 -2.77 11.27
CA LYS A 112 -10.84 -4.07 11.91
C LYS A 112 -12.31 -4.50 11.90
N GLY A 113 -12.57 -5.79 11.77
CA GLY A 113 -13.93 -6.29 11.98
C GLY A 113 -14.31 -6.11 13.44
N THR A 114 -15.45 -5.48 13.71
CA THR A 114 -15.90 -5.22 15.08
C THR A 114 -17.36 -5.58 15.25
N THR A 115 -17.79 -5.69 16.51
CA THR A 115 -19.21 -5.72 16.81
C THR A 115 -19.79 -4.32 16.53
N GLU A 116 -21.12 -4.22 16.43
CA GLU A 116 -21.74 -2.94 16.19
C GLU A 116 -21.44 -1.96 17.33
N ALA A 117 -21.43 -2.47 18.57
CA ALA A 117 -21.09 -1.66 19.75
C ALA A 117 -19.71 -1.01 19.68
N ASN A 118 -18.75 -1.68 19.03
CA ASN A 118 -17.38 -1.19 18.92
C ASN A 118 -17.03 -0.57 17.58
N ALA A 119 -18.02 -0.41 16.71
CA ALA A 119 -17.77 0.10 15.36
C ALA A 119 -17.16 1.49 15.35
N TRP A 120 -17.44 2.30 16.38
CA TRP A 120 -16.88 3.64 16.45
C TRP A 120 -15.35 3.65 16.54
N LYS A 121 -14.77 2.56 17.04
CA LYS A 121 -13.31 2.43 17.14
C LYS A 121 -12.74 1.40 16.18
N SER A 122 -13.39 1.22 15.04
CA SER A 122 -12.99 0.20 14.06
C SER A 122 -11.78 0.61 13.21
N THR A 123 -11.54 1.91 13.07
CA THR A 123 -10.65 2.36 11.99
C THR A 123 -9.49 3.25 12.49
N LEU A 124 -8.27 2.79 12.21
CA LEU A 124 -7.04 3.55 12.38
C LEU A 124 -6.69 4.29 11.09
N VAL A 125 -6.06 5.45 11.25
CA VAL A 125 -5.58 6.25 10.13
C VAL A 125 -4.11 6.58 10.36
N GLY A 126 -3.34 6.56 9.29
CA GLY A 126 -1.92 6.88 9.35
C GLY A 126 -1.39 7.29 8.00
N HIS A 127 -0.07 7.41 7.95
CA HIS A 127 0.60 7.85 6.74
C HIS A 127 1.96 7.17 6.62
N ASP A 128 2.20 6.58 5.44
CA ASP A 128 3.45 5.88 5.13
C ASP A 128 4.11 6.51 3.90
N THR A 129 5.42 6.68 3.95
CA THR A 129 6.18 7.11 2.78
C THR A 129 7.11 5.98 2.40
N PHE A 130 7.04 5.60 1.12
CA PHE A 130 7.79 4.49 0.55
C PHE A 130 8.90 5.03 -0.35
N THR A 131 10.09 4.44 -0.21
CA THR A 131 11.22 4.76 -1.07
C THR A 131 11.84 3.47 -1.57
N LYS A 132 12.70 3.60 -2.57
CA LYS A 132 13.34 2.44 -3.23
C LYS A 132 14.51 1.89 -2.44
N VAL A 133 14.99 2.66 -1.48
CA VAL A 133 16.10 2.26 -0.62
C VAL A 133 15.59 2.23 0.82
N LYS A 134 16.12 1.30 1.61
CA LYS A 134 15.84 1.19 3.08
C LYS A 134 15.03 -0.06 3.39
#